data_5VOF
#
_entry.id   5VOF
#
_cell.length_a   55.744
_cell.length_b   164.275
_cell.length_c   124.521
_cell.angle_alpha   90.00
_cell.angle_beta   90.00
_cell.angle_gamma   90.00
#
_symmetry.space_group_name_H-M   'C 2 2 21'
#
loop_
_entity.id
_entity.type
_entity.pdbx_description
1 polymer 'Coagulation factor X'
2 polymer 'Coagulation factor X'
3 polymer 'DNA/RNA (36-MER)'
4 non-polymer 5-chloro-N-({(5S)-2-oxo-3-[4-(3-oxomorpholin-4-yl)phenyl]-1,3-oxazolidin-5-yl}methyl)thiophene-2-carboxamide
5 non-polymer 'SODIUM ION'
6 non-polymer 'CALCIUM ION'
7 non-polymer 'MAGNESIUM ION'
8 water water
#
loop_
_entity_poly.entity_id
_entity_poly.type
_entity_poly.pdbx_seq_one_letter_code
_entity_poly.pdbx_strand_id
1 'polypeptide(L)'
;IVGGQECKDGECPWQALLINEENEGFCGGTILSEFYILTAAHCLYQAKRFKVRVGDRNTEQEEGGEAVHEVEVVIKHNRF
TKETYDFDIAVLRLKTPITFRMNVAPACLPERDWAESTLMTQKTGIVSGFGRTHEKGRQSTRLKMLEVPYVDRNSCKLSS
SFIITQNMFCAGYDTKQEDACQGDAGGPHVTRFKDTYFVTGIVSWGEGCARKGKYGIYTKVTAFLKWIDRSMK
;
H
2 'polypeptide(L)' LCSLDNGDCDQFCHEEQNSVVCSCARGYTLADNGKACIPTGPYPCGKQTLE L
3 'polyribonucleotide'
;GAGAG(CFL)(CFL)(CFL)(CFL)AG(CFL)GAGA(UFT)AA(UFT)A(CFL)(UFT)(UFT)GG(CFL)(CFL)
(CFL)(CFL)G(CFL)(UFT)(CFL)(UFT)(UFT)
;
A
#
loop_
_chem_comp.id
_chem_comp.type
_chem_comp.name
_chem_comp.formula
A RNA linking ADENOSINE-5'-MONOPHOSPHATE 'C10 H14 N5 O7 P'
CA non-polymer 'CALCIUM ION' 'Ca 2'
CFL DNA linking 4-amino-1-(2-deoxy-2-fluoro-5-O-phosphono-beta-D-arabinofuranosyl)pyrimidin-2(1H)-one 'C9 H13 F N3 O7 P'
G RNA linking GUANOSINE-5'-MONOPHOSPHATE 'C10 H14 N5 O8 P'
MG non-polymer 'MAGNESIUM ION' 'Mg 2'
NA non-polymer 'SODIUM ION' 'Na 1'
RIV non-polymer 5-chloro-N-({(5S)-2-oxo-3-[4-(3-oxomorpholin-4-yl)phenyl]-1,3-oxazolidin-5-yl}methyl)thiophene-2-carboxamide 'C19 H18 Cl N3 O5 S'
UFT DNA linking '2'-deoxy-2'-fluorouridine 5'-(dihydrogen phosphate)' 'C9 H12 F N2 O8 P'
#
# COMPACT_ATOMS: atom_id res chain seq x y z
N ILE A 1 4.67 -10.94 -7.55
CA ILE A 1 3.59 -10.49 -8.47
C ILE A 1 3.53 -11.40 -9.70
N VAL A 2 2.32 -11.81 -10.08
CA VAL A 2 2.10 -12.62 -11.27
C VAL A 2 1.68 -11.66 -12.36
N GLY A 3 2.36 -11.72 -13.50
CA GLY A 3 2.16 -10.74 -14.58
C GLY A 3 2.66 -9.37 -14.15
N GLY A 4 2.04 -8.31 -14.68
CA GLY A 4 2.45 -6.94 -14.36
C GLY A 4 3.77 -6.57 -15.04
N GLN A 5 4.43 -5.56 -14.49
CA GLN A 5 5.68 -5.00 -15.01
C GLN A 5 6.66 -4.80 -13.87
N GLU A 6 7.93 -4.59 -14.21
CA GLU A 6 8.93 -4.11 -13.25
C GLU A 6 8.60 -2.69 -12.82
N CYS A 7 8.91 -2.36 -11.57
CA CYS A 7 8.93 -0.97 -11.15
C CYS A 7 10.19 -0.36 -11.74
N LYS A 8 10.02 0.63 -12.60
CA LYS A 8 11.16 1.35 -13.17
C LYS A 8 11.62 2.36 -12.15
N ASP A 9 12.76 2.98 -12.44
CA ASP A 9 13.45 3.83 -11.47
C ASP A 9 12.49 4.88 -10.93
N GLY A 10 12.33 4.89 -9.61
CA GLY A 10 11.51 5.86 -8.91
C GLY A 10 10.01 5.64 -8.96
N GLU A 11 9.55 4.54 -9.56
CA GLU A 11 8.11 4.31 -9.74
C GLU A 11 7.37 3.73 -8.53
N CYS A 12 8.06 3.03 -7.63
CA CYS A 12 7.41 2.39 -6.47
C CYS A 12 8.21 2.68 -5.22
N PRO A 13 8.48 3.97 -4.93
CA PRO A 13 9.42 4.34 -3.87
C PRO A 13 8.91 4.11 -2.44
N TRP A 14 7.62 3.80 -2.29
CA TRP A 14 6.99 3.47 -1.00
C TRP A 14 7.09 1.98 -0.67
N GLN A 15 7.57 1.17 -1.59
CA GLN A 15 7.80 -0.26 -1.32
C GLN A 15 8.84 -0.48 -0.23
N ALA A 16 8.46 -1.27 0.78
CA ALA A 16 9.41 -1.79 1.76
C ALA A 16 9.47 -3.30 1.61
N LEU A 17 10.60 -3.87 1.99
CA LEU A 17 10.80 -5.31 1.98
C LEU A 17 11.15 -5.76 3.39
N LEU A 18 10.37 -6.69 3.95
CA LEU A 18 10.72 -7.30 5.22
C LEU A 18 11.67 -8.45 4.93
N ILE A 19 12.81 -8.46 5.60
CA ILE A 19 13.87 -9.44 5.38
C ILE A 19 14.23 -10.16 6.69
N ASN A 20 14.34 -11.49 6.60
CA ASN A 20 14.61 -12.35 7.75
C ASN A 20 16.11 -12.41 8.10
N GLU A 21 16.49 -13.33 8.98
CA GLU A 21 17.89 -13.45 9.45
C GLU A 21 18.87 -13.80 8.34
N GLU A 22 18.41 -14.51 7.31
CA GLU A 22 19.24 -14.91 6.17
C GLU A 22 19.12 -13.94 4.97
N ASN A 23 18.83 -12.67 5.25
CA ASN A 23 18.56 -11.63 4.25
C ASN A 23 17.65 -12.04 3.07
N GLU A 24 16.72 -12.95 3.34
CA GLU A 24 15.71 -13.37 2.38
C GLU A 24 14.48 -12.52 2.64
N GLY A 25 13.99 -11.84 1.59
CA GLY A 25 12.73 -11.13 1.65
C GLY A 25 11.59 -12.12 1.79
N PHE A 26 10.63 -11.82 2.67
CA PHE A 26 9.44 -12.68 2.86
C PHE A 26 8.09 -11.97 2.85
N CYS A 27 8.10 -10.66 3.09
CA CYS A 27 6.89 -9.85 3.05
C CYS A 27 7.22 -8.46 2.53
N GLY A 28 6.20 -7.76 2.04
CA GLY A 28 6.31 -6.36 1.70
C GLY A 28 5.89 -5.46 2.85
N GLY A 29 6.09 -4.18 2.63
CA GLY A 29 5.60 -3.11 3.50
C GLY A 29 5.37 -1.84 2.69
N THR A 30 4.73 -0.86 3.31
CA THR A 30 4.53 0.45 2.70
C THR A 30 5.09 1.53 3.61
N ILE A 31 5.97 2.37 3.06
CA ILE A 31 6.52 3.49 3.81
C ILE A 31 5.43 4.57 3.99
N LEU A 32 5.19 4.95 5.23
CA LEU A 32 4.17 5.94 5.60
C LEU A 32 4.81 7.25 6.01
N SER A 33 5.90 7.15 6.76
CA SER A 33 6.69 8.31 7.15
C SER A 33 8.16 7.90 7.30
N GLU A 34 8.98 8.81 7.80
CA GLU A 34 10.39 8.53 8.08
C GLU A 34 10.57 7.38 9.08
N PHE A 35 9.64 7.27 10.04
CA PHE A 35 9.73 6.28 11.10
C PHE A 35 8.80 5.07 10.97
N TYR A 36 7.76 5.16 10.14
CA TYR A 36 6.67 4.15 10.14
C TYR A 36 6.48 3.36 8.83
N ILE A 37 6.33 2.05 8.96
CA ILE A 37 6.04 1.14 7.85
C ILE A 37 4.71 0.42 8.11
N LEU A 38 3.84 0.41 7.09
CA LEU A 38 2.59 -0.35 7.12
C LEU A 38 2.85 -1.74 6.55
N THR A 39 2.33 -2.74 7.23
CA THR A 39 2.46 -4.13 6.79
C THR A 39 1.27 -4.97 7.27
N ALA A 40 1.29 -6.27 6.94
CA ALA A 40 0.25 -7.20 7.36
C ALA A 40 0.64 -7.78 8.71
N ALA A 41 -0.37 -8.03 9.55
CA ALA A 41 -0.17 -8.67 10.84
C ALA A 41 0.42 -10.07 10.69
N HIS A 42 -0.10 -10.84 9.72
CA HIS A 42 0.33 -12.23 9.52
C HIS A 42 1.81 -12.35 9.12
N CYS A 43 2.37 -11.28 8.55
CA CYS A 43 3.81 -11.21 8.26
C CYS A 43 4.69 -11.31 9.49
N LEU A 44 4.15 -10.98 10.66
CA LEU A 44 4.87 -11.10 11.93
C LEU A 44 5.00 -12.53 12.43
N TYR A 45 4.39 -13.50 11.74
CA TYR A 45 4.46 -14.92 12.11
C TYR A 45 5.31 -15.75 11.16
N GLN A 46 5.98 -15.10 10.20
CA GLN A 46 6.70 -15.82 9.14
C GLN A 46 8.17 -16.00 9.48
N ALA A 47 8.81 -14.94 9.94
CA ALA A 47 10.24 -14.95 10.31
C ALA A 47 10.43 -14.89 11.80
N LYS A 48 11.50 -15.51 12.29
CA LYS A 48 11.85 -15.49 13.71
C LYS A 48 12.10 -14.06 14.16
N ARG A 49 12.92 -13.35 13.39
CA ARG A 49 13.15 -11.91 13.58
C ARG A 49 13.50 -11.30 12.22
N PHE A 50 13.27 -10.00 12.07
CA PHE A 50 13.40 -9.35 10.76
C PHE A 50 13.78 -7.86 10.83
N LYS A 51 14.26 -7.36 9.70
CA LYS A 51 14.51 -5.93 9.50
C LYS A 51 13.76 -5.48 8.25
N VAL A 52 13.76 -4.17 8.00
CA VAL A 52 13.09 -3.57 6.84
C VAL A 52 14.12 -2.99 5.88
N ARG A 53 14.11 -3.47 4.63
CA ARG A 53 14.91 -2.87 3.56
C ARG A 53 14.05 -1.92 2.73
N VAL A 54 14.61 -0.76 2.39
CA VAL A 54 13.94 0.22 1.54
C VAL A 54 14.90 0.65 0.43
N GLY A 55 14.31 1.13 -0.65
CA GLY A 55 15.04 1.65 -1.80
C GLY A 55 15.68 0.59 -2.66
N ASP A 56 15.16 -0.63 -2.59
CA ASP A 56 15.68 -1.75 -3.37
C ASP A 56 14.79 -1.98 -4.59
N ARG A 57 15.40 -2.40 -5.69
CA ARG A 57 14.66 -2.75 -6.90
C ARG A 57 15.10 -4.08 -7.53
N ASN A 58 16.40 -4.38 -7.44
CA ASN A 58 16.95 -5.65 -7.90
C ASN A 58 17.74 -6.26 -6.74
N THR A 59 17.23 -7.34 -6.16
CA THR A 59 17.87 -7.95 -4.99
C THR A 59 19.17 -8.64 -5.33
N GLU A 60 19.27 -9.19 -6.54
CA GLU A 60 20.50 -9.85 -7.00
C GLU A 60 21.72 -8.91 -6.97
N GLN A 61 21.53 -7.65 -7.39
CA GLN A 61 22.62 -6.66 -7.41
C GLN A 61 22.46 -5.58 -6.33
N GLU A 62 23.04 -5.83 -5.16
CA GLU A 62 23.01 -4.90 -4.03
C GLU A 62 24.12 -3.85 -4.15
N GLU A 63 23.90 -2.90 -5.03
CA GLU A 63 24.66 -1.65 -5.10
C GLU A 63 23.70 -0.53 -5.50
N GLY A 64 23.78 0.58 -4.77
CA GLY A 64 22.90 1.72 -4.98
C GLY A 64 22.51 2.37 -3.66
N GLY A 65 21.22 2.73 -3.56
CA GLY A 65 20.71 3.46 -2.40
C GLY A 65 19.77 2.65 -1.53
N GLU A 66 20.07 1.38 -1.32
CA GLU A 66 19.28 0.54 -0.42
C GLU A 66 19.75 0.81 1.00
N ALA A 67 18.83 0.66 1.95
CA ALA A 67 19.17 0.77 3.37
C ALA A 67 18.27 -0.17 4.19
N VAL A 68 18.88 -0.85 5.16
CA VAL A 68 18.20 -1.75 6.06
C VAL A 68 18.00 -1.03 7.39
N HIS A 69 16.76 -0.95 7.85
CA HIS A 69 16.42 -0.31 9.12
C HIS A 69 15.98 -1.36 10.13
N GLU A 70 16.45 -1.23 11.36
CA GLU A 70 16.00 -2.11 12.45
C GLU A 70 14.65 -1.62 12.99
N VAL A 71 13.82 -2.57 13.41
CA VAL A 71 12.49 -2.30 13.97
C VAL A 71 12.57 -2.10 15.49
N GLU A 72 12.25 -0.88 15.92
CA GLU A 72 12.18 -0.58 17.35
C GLU A 72 10.89 -1.17 17.94
N VAL A 73 9.77 -0.93 17.25
CA VAL A 73 8.45 -1.28 17.77
C VAL A 73 7.61 -1.97 16.69
N VAL A 74 6.92 -3.05 17.09
CA VAL A 74 5.89 -3.69 16.29
C VAL A 74 4.53 -3.37 16.92
N ILE A 75 3.61 -2.85 16.12
CA ILE A 75 2.28 -2.50 16.57
C ILE A 75 1.29 -3.32 15.76
N LYS A 76 1.03 -4.53 16.23
CA LYS A 76 0.04 -5.42 15.61
C LYS A 76 -1.35 -5.05 16.12
N HIS A 77 -2.34 -5.10 15.22
CA HIS A 77 -3.73 -4.89 15.59
C HIS A 77 -4.13 -5.99 16.56
N ASN A 78 -4.71 -5.61 17.70
CA ASN A 78 -5.04 -6.59 18.77
C ASN A 78 -6.02 -7.68 18.33
N ARG A 79 -6.85 -7.36 17.33
CA ARG A 79 -7.91 -8.20 16.82
C ARG A 79 -7.54 -9.11 15.65
N PHE A 80 -6.29 -9.06 15.18
CA PHE A 80 -5.85 -9.97 14.13
C PHE A 80 -6.07 -11.44 14.51
N THR A 81 -6.59 -12.24 13.57
CA THR A 81 -6.76 -13.70 13.75
C THR A 81 -6.24 -14.43 12.53
N LYS A 82 -5.42 -15.46 12.73
CA LYS A 82 -4.96 -16.29 11.60
C LYS A 82 -6.03 -17.25 11.08
N GLU A 83 -7.04 -17.56 11.90
CA GLU A 83 -8.17 -18.40 11.45
C GLU A 83 -8.99 -17.75 10.34
N THR A 84 -9.12 -16.42 10.35
CA THR A 84 -9.82 -15.69 9.29
C THR A 84 -9.01 -14.66 8.52
N TYR A 85 -7.79 -14.34 8.97
CA TYR A 85 -6.98 -13.21 8.43
C TYR A 85 -7.71 -11.85 8.54
N ASP A 86 -8.66 -11.75 9.47
CA ASP A 86 -9.38 -10.52 9.71
C ASP A 86 -8.45 -9.61 10.51
N PHE A 87 -8.59 -8.30 10.30
CA PHE A 87 -7.73 -7.28 10.92
C PHE A 87 -6.26 -7.49 10.59
N ASP A 88 -5.99 -7.74 9.32
CA ASP A 88 -4.65 -8.10 8.89
C ASP A 88 -3.81 -6.85 8.63
N ILE A 89 -3.37 -6.24 9.73
CA ILE A 89 -2.65 -4.98 9.68
C ILE A 89 -1.71 -4.84 10.86
N ALA A 90 -0.53 -4.30 10.60
CA ALA A 90 0.40 -3.92 11.65
C ALA A 90 1.19 -2.71 11.19
N VAL A 91 1.74 -1.98 12.16
CA VAL A 91 2.60 -0.84 11.91
C VAL A 91 3.92 -1.07 12.63
N LEU A 92 5.02 -0.80 11.93
CA LEU A 92 6.35 -0.95 12.47
C LEU A 92 6.90 0.45 12.69
N ARG A 93 7.45 0.71 13.87
CA ARG A 93 8.24 1.92 14.12
C ARG A 93 9.70 1.51 14.03
N LEU A 94 10.48 2.27 13.27
CA LEU A 94 11.90 2.01 13.05
C LEU A 94 12.76 2.74 14.07
N LYS A 95 13.88 2.14 14.46
CA LYS A 95 14.84 2.79 15.36
C LYS A 95 15.46 4.05 14.76
N THR A 96 15.72 4.02 13.44
CA THR A 96 16.38 5.11 12.71
C THR A 96 15.43 5.71 11.66
N PRO A 97 15.46 7.04 11.47
CA PRO A 97 14.59 7.62 10.44
C PRO A 97 15.09 7.32 9.04
N ILE A 98 14.16 7.07 8.13
CA ILE A 98 14.46 6.86 6.72
C ILE A 98 14.79 8.22 6.10
N THR A 99 15.89 8.28 5.37
CA THR A 99 16.23 9.43 4.55
C THR A 99 15.55 9.26 3.20
N PHE A 100 14.57 10.12 2.89
CA PHE A 100 13.92 10.05 1.59
C PHE A 100 14.88 10.50 0.48
N ARG A 101 14.84 9.76 -0.61
CA ARG A 101 15.79 9.90 -1.72
C ARG A 101 15.17 9.20 -2.92
N MET A 102 15.91 9.12 -4.03
CA MET A 102 15.47 8.33 -5.19
C MET A 102 15.11 6.93 -4.75
N ASN A 103 13.94 6.44 -5.21
CA ASN A 103 13.37 5.14 -4.79
C ASN A 103 12.96 4.99 -3.31
N VAL A 104 12.95 6.08 -2.53
CA VAL A 104 12.57 6.02 -1.11
C VAL A 104 11.70 7.23 -0.72
N ALA A 105 10.39 7.04 -0.77
CA ALA A 105 9.44 8.10 -0.45
C ALA A 105 8.13 7.48 0.04
N PRO A 106 7.41 8.17 0.94
CA PRO A 106 6.21 7.56 1.54
C PRO A 106 5.01 7.70 0.62
N ALA A 107 4.06 6.78 0.77
CA ALA A 107 2.74 6.91 0.15
C ALA A 107 1.84 7.76 1.06
N CYS A 108 0.82 8.39 0.48
CA CYS A 108 -0.06 9.31 1.23
C CYS A 108 -1.17 8.53 1.94
N LEU A 109 -1.46 8.89 3.19
CA LEU A 109 -2.65 8.41 3.89
C LEU A 109 -3.82 9.35 3.54
N PRO A 110 -4.86 8.85 2.88
CA PRO A 110 -5.99 9.69 2.58
C PRO A 110 -6.94 9.81 3.79
N GLU A 111 -7.76 10.86 3.77
CA GLU A 111 -8.87 11.01 4.68
C GLU A 111 -9.89 9.93 4.28
N ARG A 112 -10.54 9.33 5.30
CA ARG A 112 -11.40 8.15 5.09
C ARG A 112 -12.58 8.33 4.14
N ASP A 113 -13.47 9.27 4.43
CA ASP A 113 -14.66 9.52 3.60
C ASP A 113 -14.30 9.80 2.13
N TRP A 114 -13.28 10.63 1.92
CA TRP A 114 -12.78 10.89 0.57
C TRP A 114 -12.21 9.64 -0.07
N ALA A 115 -11.42 8.88 0.69
CA ALA A 115 -10.94 7.58 0.23
C ALA A 115 -12.08 6.69 -0.25
N GLU A 116 -13.14 6.60 0.56
CA GLU A 116 -14.30 5.77 0.22
C GLU A 116 -15.03 6.25 -1.04
N SER A 117 -15.27 7.56 -1.13
CA SER A 117 -16.01 8.13 -2.23
C SER A 117 -15.20 8.23 -3.51
N THR A 118 -13.89 8.46 -3.39
CA THR A 118 -13.06 8.87 -4.52
C THR A 118 -11.96 7.90 -4.95
N LEU A 119 -11.29 7.24 -4.00
CA LEU A 119 -10.26 6.23 -4.31
C LEU A 119 -10.82 4.82 -4.56
N MET A 120 -11.67 4.36 -3.64
CA MET A 120 -12.25 3.00 -3.73
C MET A 120 -13.19 2.86 -4.93
N THR A 121 -13.69 3.99 -5.42
CA THR A 121 -14.57 4.01 -6.59
C THR A 121 -13.81 4.15 -7.91
N GLN A 122 -12.48 4.20 -7.87
CA GLN A 122 -11.67 4.19 -9.10
C GLN A 122 -11.73 2.80 -9.72
N LYS A 123 -11.41 2.73 -11.01
CA LYS A 123 -11.44 1.47 -11.74
C LYS A 123 -10.41 0.48 -11.20
N THR A 124 -9.22 0.98 -10.86
CA THR A 124 -8.10 0.13 -10.47
C THR A 124 -7.24 0.77 -9.38
N GLY A 125 -6.43 -0.09 -8.77
CA GLY A 125 -5.32 0.33 -7.90
C GLY A 125 -4.06 -0.38 -8.37
N ILE A 126 -2.96 -0.14 -7.66
CA ILE A 126 -1.65 -0.68 -8.04
C ILE A 126 -1.15 -1.48 -6.86
N VAL A 127 -0.76 -2.73 -7.12
CA VAL A 127 -0.10 -3.58 -6.13
C VAL A 127 1.35 -3.79 -6.56
N SER A 128 2.24 -3.94 -5.59
CA SER A 128 3.65 -4.16 -5.90
C SER A 128 4.31 -5.13 -4.91
N GLY A 129 5.47 -5.64 -5.31
CA GLY A 129 6.30 -6.43 -4.43
C GLY A 129 7.36 -7.29 -5.08
N PHE A 130 8.01 -8.08 -4.23
CA PHE A 130 9.13 -8.94 -4.59
C PHE A 130 8.73 -10.41 -4.57
N GLY A 131 7.42 -10.68 -4.54
CA GLY A 131 6.92 -12.04 -4.37
C GLY A 131 6.99 -12.87 -5.64
N ARG A 132 6.38 -14.05 -5.60
CA ARG A 132 6.50 -15.01 -6.69
C ARG A 132 5.82 -14.58 -7.97
N THR A 133 6.31 -15.09 -9.09
CA THR A 133 5.83 -14.74 -10.43
C THR A 133 4.82 -15.74 -10.98
N HIS A 134 4.73 -16.92 -10.36
CA HIS A 134 3.51 -17.74 -10.37
C HIS A 134 3.41 -18.52 -9.06
N GLU A 135 2.28 -19.15 -8.88
CA GLU A 135 1.94 -19.85 -7.68
C GLU A 135 3.01 -20.83 -7.27
N ARG A 138 9.52 -19.48 -4.79
CA ARG A 138 9.50 -18.80 -6.06
C ARG A 138 9.38 -17.32 -5.78
N GLN A 139 10.46 -16.56 -5.89
CA GLN A 139 10.34 -15.14 -5.60
C GLN A 139 11.13 -14.26 -6.56
N SER A 140 10.52 -13.15 -6.97
CA SER A 140 11.14 -12.23 -7.91
C SER A 140 12.38 -11.60 -7.30
N THR A 141 13.42 -11.52 -8.12
CA THR A 141 14.63 -10.77 -7.79
C THR A 141 14.46 -9.29 -8.12
N ARG A 142 13.45 -8.95 -8.91
CA ARG A 142 13.12 -7.57 -9.19
C ARG A 142 11.75 -7.18 -8.66
N LEU A 143 11.65 -5.94 -8.19
CA LEU A 143 10.41 -5.36 -7.72
C LEU A 143 9.46 -5.20 -8.91
N LYS A 144 8.23 -5.66 -8.74
CA LYS A 144 7.21 -5.57 -9.78
C LYS A 144 5.99 -4.83 -9.27
N MET A 145 5.20 -4.35 -10.22
CA MET A 145 3.95 -3.67 -9.96
C MET A 145 2.90 -4.22 -10.89
N LEU A 146 1.64 -4.09 -10.48
CA LEU A 146 0.53 -4.59 -11.26
C LEU A 146 -0.72 -3.78 -10.99
N GLU A 147 -1.43 -3.42 -12.07
CA GLU A 147 -2.71 -2.75 -11.96
C GLU A 147 -3.81 -3.78 -11.73
N VAL A 148 -4.56 -3.60 -10.64
CA VAL A 148 -5.61 -4.56 -10.26
C VAL A 148 -6.97 -3.87 -10.17
N PRO A 149 -7.94 -4.32 -10.97
CA PRO A 149 -9.26 -3.70 -10.84
C PRO A 149 -9.89 -3.97 -9.49
N TYR A 150 -10.54 -2.96 -8.91
CA TYR A 150 -11.44 -3.20 -7.77
C TYR A 150 -12.56 -4.13 -8.23
N VAL A 151 -12.91 -5.07 -7.35
CA VAL A 151 -13.93 -6.08 -7.61
C VAL A 151 -14.99 -5.89 -6.54
N ASP A 152 -16.26 -5.89 -6.96
CA ASP A 152 -17.36 -5.62 -6.01
C ASP A 152 -17.44 -6.72 -4.96
N ARG A 153 -17.87 -6.33 -3.76
CA ARG A 153 -17.88 -7.19 -2.58
C ARG A 153 -18.68 -8.47 -2.77
N ASN A 154 -19.85 -8.37 -3.43
CA ASN A 154 -20.72 -9.53 -3.64
C ASN A 154 -20.08 -10.60 -4.53
N SER A 155 -19.39 -10.16 -5.59
CA SER A 155 -18.62 -11.07 -6.45
C SER A 155 -17.49 -11.73 -5.68
N CYS A 156 -16.75 -10.92 -4.94
CA CYS A 156 -15.66 -11.36 -4.07
C CYS A 156 -16.14 -12.43 -3.07
N LYS A 157 -17.27 -12.18 -2.41
CA LYS A 157 -17.81 -13.12 -1.41
C LYS A 157 -18.27 -14.45 -1.99
N LEU A 158 -18.99 -14.38 -3.12
CA LEU A 158 -19.34 -15.58 -3.88
C LEU A 158 -18.09 -16.35 -4.33
N SER A 159 -17.06 -15.63 -4.77
CA SER A 159 -15.84 -16.25 -5.25
C SER A 159 -15.04 -17.00 -4.17
N SER A 160 -15.20 -16.64 -2.89
CA SER A 160 -14.25 -17.06 -1.86
C SER A 160 -14.69 -18.27 -1.05
N SER A 161 -13.70 -19.08 -0.67
CA SER A 161 -13.88 -20.19 0.25
C SER A 161 -13.87 -19.76 1.71
N PHE A 162 -13.34 -18.55 1.97
CA PHE A 162 -13.23 -18.03 3.34
C PHE A 162 -14.10 -16.78 3.45
N ILE A 163 -14.39 -16.41 4.69
CA ILE A 163 -15.28 -15.28 4.95
C ILE A 163 -14.55 -13.99 4.55
N ILE A 164 -15.18 -13.18 3.72
CA ILE A 164 -14.66 -11.86 3.39
C ILE A 164 -15.32 -10.86 4.33
N THR A 165 -14.54 -10.28 5.24
CA THR A 165 -15.06 -9.33 6.23
C THR A 165 -15.05 -7.93 5.64
N GLN A 166 -15.65 -6.98 6.36
CA GLN A 166 -15.65 -5.55 5.98
C GLN A 166 -14.25 -4.91 6.08
N ASN A 167 -13.32 -5.57 6.74
CA ASN A 167 -11.93 -5.17 6.77
C ASN A 167 -11.11 -5.68 5.58
N MET A 168 -11.79 -6.26 4.58
CA MET A 168 -11.15 -6.80 3.38
C MET A 168 -11.82 -6.26 2.10
N PHE A 169 -11.07 -6.25 1.00
CA PHE A 169 -11.68 -6.05 -0.32
C PHE A 169 -10.95 -6.90 -1.35
N CYS A 170 -11.62 -7.16 -2.47
CA CYS A 170 -11.05 -7.92 -3.57
C CYS A 170 -10.53 -7.01 -4.67
N ALA A 171 -9.43 -7.45 -5.28
CA ALA A 171 -8.94 -6.80 -6.48
C ALA A 171 -8.17 -7.79 -7.33
N GLY A 172 -8.19 -7.54 -8.64
CA GLY A 172 -7.54 -8.41 -9.62
C GLY A 172 -8.55 -8.87 -10.65
N TYR A 173 -8.34 -10.09 -11.14
CA TYR A 173 -9.05 -10.57 -12.34
C TYR A 173 -9.66 -11.92 -12.09
N ASP A 174 -10.78 -12.17 -12.78
CA ASP A 174 -11.42 -13.47 -12.76
C ASP A 174 -10.46 -14.55 -13.28
N THR A 175 -10.14 -14.52 -14.57
CA THR A 175 -9.34 -15.56 -15.22
C THR A 175 -7.96 -15.10 -15.69
N LYS A 176 -7.77 -13.79 -15.88
CA LYS A 176 -6.51 -13.27 -16.42
C LYS A 176 -5.37 -13.51 -15.44
N GLN A 177 -4.23 -13.94 -15.95
CA GLN A 177 -3.15 -14.45 -15.10
C GLN A 177 -2.32 -13.31 -14.53
N GLU A 178 -2.95 -12.57 -13.62
CA GLU A 178 -2.33 -11.42 -12.99
C GLU A 178 -2.90 -11.31 -11.60
N ASP A 179 -2.02 -11.20 -10.62
CA ASP A 179 -2.40 -11.18 -9.20
C ASP A 179 -1.15 -10.91 -8.40
N ALA A 180 -1.32 -10.59 -7.13
CA ALA A 180 -0.22 -10.69 -6.17
C ALA A 180 0.00 -12.17 -5.87
N CYS A 181 1.06 -12.48 -5.14
CA CYS A 181 1.38 -13.86 -4.80
C CYS A 181 2.18 -13.93 -3.49
N GLN A 182 2.51 -15.17 -3.11
CA GLN A 182 3.34 -15.44 -1.94
C GLN A 182 4.59 -14.57 -1.98
N GLY A 183 4.83 -13.86 -0.87
CA GLY A 183 5.95 -12.94 -0.78
C GLY A 183 5.54 -11.48 -0.90
N ASP A 184 4.41 -11.21 -1.56
CA ASP A 184 3.92 -9.83 -1.67
C ASP A 184 3.17 -9.31 -0.46
N ALA A 185 2.68 -10.22 0.39
CA ALA A 185 1.91 -9.88 1.59
C ALA A 185 2.54 -8.79 2.42
N GLY A 186 1.69 -7.89 2.92
CA GLY A 186 2.11 -6.72 3.66
C GLY A 186 2.45 -5.52 2.82
N GLY A 187 2.59 -5.72 1.52
CA GLY A 187 3.02 -4.66 0.61
C GLY A 187 1.93 -3.69 0.23
N PRO A 188 2.27 -2.68 -0.58
CA PRO A 188 1.34 -1.62 -0.96
C PRO A 188 0.28 -2.03 -1.96
N HIS A 189 -0.96 -1.63 -1.67
CA HIS A 189 -1.98 -1.44 -2.69
C HIS A 189 -2.25 0.05 -2.59
N VAL A 190 -1.95 0.78 -3.66
CA VAL A 190 -2.11 2.23 -3.69
C VAL A 190 -3.00 2.59 -4.85
N THR A 191 -3.73 3.67 -4.69
CA THR A 191 -4.61 4.19 -5.73
C THR A 191 -4.13 5.57 -6.16
N ARG A 192 -4.07 5.75 -7.47
CA ARG A 192 -3.60 6.95 -8.07
C ARG A 192 -4.79 7.88 -8.21
N PHE A 193 -4.56 9.16 -7.88
CA PHE A 193 -5.52 10.21 -8.13
C PHE A 193 -4.74 11.48 -8.47
N LYS A 194 -4.88 11.96 -9.71
CA LYS A 194 -4.10 13.10 -10.22
C LYS A 194 -2.61 13.01 -9.87
N ASP A 195 -1.96 11.93 -10.32
CA ASP A 195 -0.50 11.76 -10.19
C ASP A 195 0.04 11.67 -8.74
N THR A 196 -0.86 11.43 -7.79
CA THR A 196 -0.49 11.23 -6.39
C THR A 196 -1.09 9.90 -5.93
N TYR A 197 -0.25 9.11 -5.26
CA TYR A 197 -0.58 7.73 -4.89
C TYR A 197 -0.92 7.65 -3.41
N PHE A 198 -2.09 7.10 -3.12
CA PHE A 198 -2.64 7.03 -1.78
C PHE A 198 -2.76 5.57 -1.36
N VAL A 199 -2.38 5.26 -0.12
CA VAL A 199 -2.51 3.91 0.41
C VAL A 199 -4.01 3.54 0.50
N THR A 200 -4.40 2.46 -0.18
CA THR A 200 -5.78 1.96 -0.15
C THR A 200 -5.90 0.52 0.35
N GLY A 201 -4.85 -0.28 0.21
CA GLY A 201 -4.85 -1.63 0.78
C GLY A 201 -3.51 -2.14 1.24
N ILE A 202 -3.56 -3.30 1.88
CA ILE A 202 -2.39 -4.08 2.23
C ILE A 202 -2.61 -5.46 1.61
N VAL A 203 -1.61 -5.97 0.89
CA VAL A 203 -1.66 -7.32 0.34
C VAL A 203 -1.82 -8.26 1.52
N SER A 204 -2.89 -9.04 1.51
CA SER A 204 -3.22 -9.88 2.67
C SER A 204 -3.14 -11.36 2.33
N TRP A 205 -4.00 -11.82 1.42
CA TRP A 205 -4.10 -13.23 1.08
C TRP A 205 -4.90 -13.49 -0.19
N GLY A 206 -4.78 -14.72 -0.67
CA GLY A 206 -5.51 -15.20 -1.83
C GLY A 206 -5.43 -16.71 -1.82
N GLU A 207 -6.33 -17.37 -2.50
CA GLU A 207 -6.32 -18.81 -2.57
C GLU A 207 -5.44 -19.15 -3.75
N GLY A 208 -4.17 -19.33 -3.49
CA GLY A 208 -3.23 -19.53 -4.54
C GLY A 208 -2.82 -18.19 -5.10
N CYS A 209 -2.70 -18.07 -6.41
CA CYS A 209 -2.29 -16.87 -7.09
C CYS A 209 -2.85 -16.91 -8.51
N ALA A 210 -3.57 -15.91 -8.95
CA ALA A 210 -4.05 -15.81 -10.34
C ALA A 210 -4.94 -16.98 -10.76
N ARG A 211 -5.57 -17.67 -9.79
CA ARG A 211 -6.45 -18.78 -10.11
C ARG A 211 -7.76 -18.24 -10.65
N LYS A 212 -8.34 -19.01 -11.56
CA LYS A 212 -9.58 -18.62 -12.23
C LYS A 212 -10.71 -18.65 -11.22
N GLY A 213 -11.54 -17.59 -11.18
CA GLY A 213 -12.62 -17.49 -10.21
C GLY A 213 -12.20 -17.17 -8.79
N LYS A 214 -10.96 -16.68 -8.63
CA LYS A 214 -10.43 -16.21 -7.35
C LYS A 214 -9.81 -14.85 -7.56
N TYR A 215 -9.73 -14.07 -6.48
CA TYR A 215 -9.16 -12.72 -6.53
C TYR A 215 -8.11 -12.54 -5.44
N GLY A 216 -7.40 -11.42 -5.51
CA GLY A 216 -6.52 -11.00 -4.43
C GLY A 216 -7.35 -10.38 -3.32
N ILE A 217 -7.06 -10.75 -2.08
CA ILE A 217 -7.75 -10.18 -0.92
C ILE A 217 -6.78 -9.23 -0.22
N TYR A 218 -7.26 -8.01 0.00
CA TYR A 218 -6.47 -6.90 0.54
C TYR A 218 -7.14 -6.38 1.82
N THR A 219 -6.33 -5.97 2.79
CA THR A 219 -6.83 -5.32 4.00
C THR A 219 -7.34 -3.94 3.61
N LYS A 220 -8.59 -3.65 3.97
CA LYS A 220 -9.25 -2.40 3.57
C LYS A 220 -8.75 -1.28 4.50
N VAL A 221 -7.79 -0.51 4.01
CA VAL A 221 -7.05 0.46 4.82
C VAL A 221 -7.97 1.56 5.33
N THR A 222 -9.00 1.87 4.56
CA THR A 222 -9.99 2.84 4.97
C THR A 222 -10.65 2.53 6.33
N ALA A 223 -10.82 1.24 6.65
CA ALA A 223 -11.36 0.84 7.95
C ALA A 223 -10.32 0.99 9.07
N PHE A 224 -9.05 1.21 8.71
CA PHE A 224 -7.96 1.29 9.68
C PHE A 224 -7.25 2.63 9.76
N LEU A 225 -7.73 3.64 9.04
CA LEU A 225 -7.06 4.95 9.03
C LEU A 225 -6.97 5.57 10.41
N LYS A 226 -8.02 5.40 11.22
CA LYS A 226 -8.00 5.89 12.59
C LYS A 226 -7.01 5.08 13.45
N TRP A 227 -7.09 3.76 13.36
CA TRP A 227 -6.13 2.87 14.04
C TRP A 227 -4.67 3.16 13.63
N ILE A 228 -4.45 3.47 12.35
CA ILE A 228 -3.12 3.85 11.87
C ILE A 228 -2.63 5.15 12.51
N ASP A 229 -3.48 6.19 12.53
CA ASP A 229 -3.14 7.48 13.16
C ASP A 229 -2.73 7.30 14.62
N ARG A 230 -3.54 6.54 15.37
CA ARG A 230 -3.22 6.16 16.75
C ARG A 230 -1.85 5.49 16.84
N SER A 231 -1.62 4.52 15.97
CA SER A 231 -0.40 3.72 15.99
C SER A 231 0.85 4.48 15.53
N MET A 232 0.65 5.61 14.86
CA MET A 232 1.73 6.54 14.55
C MET A 232 1.83 7.69 15.58
N LYS A 233 1.27 7.47 16.79
CA LYS A 233 1.34 8.41 17.95
C LYS A 233 0.44 9.64 17.80
N LEU B 1 -21.13 19.22 -6.48
CA LEU B 1 -20.02 19.76 -5.64
C LEU B 1 -18.80 18.80 -5.67
N CYS B 2 -18.55 18.01 -4.62
CA CYS B 2 -17.41 17.08 -4.63
C CYS B 2 -17.58 15.91 -5.61
N SER B 3 -18.81 15.65 -6.06
CA SER B 3 -19.03 14.64 -7.10
C SER B 3 -18.77 15.18 -8.50
N LEU B 4 -18.77 16.50 -8.69
CA LEU B 4 -18.38 17.10 -9.97
C LEU B 4 -16.87 17.25 -9.98
N ASP B 5 -16.21 16.28 -10.62
CA ASP B 5 -14.75 16.28 -10.76
C ASP B 5 -14.00 16.68 -9.48
N ASN B 6 -14.37 16.05 -8.37
CA ASN B 6 -13.70 16.23 -7.08
C ASN B 6 -13.72 17.69 -6.57
N GLY B 7 -14.71 18.46 -7.00
CA GLY B 7 -14.79 19.88 -6.69
C GLY B 7 -13.64 20.74 -7.22
N ASP B 8 -12.91 20.24 -8.23
CA ASP B 8 -11.73 20.92 -8.77
C ASP B 8 -10.51 20.86 -7.83
N CYS B 9 -10.59 20.05 -6.76
CA CYS B 9 -9.50 19.90 -5.78
C CYS B 9 -8.42 18.94 -6.30
N ASP B 10 -7.17 19.19 -5.93
CA ASP B 10 -6.07 18.26 -6.25
C ASP B 10 -6.16 16.96 -5.49
N GLN B 11 -6.53 17.06 -4.20
CA GLN B 11 -6.55 15.91 -3.32
C GLN B 11 -7.92 15.84 -2.64
N PHE B 12 -8.00 16.06 -1.32
CA PHE B 12 -9.25 15.84 -0.59
C PHE B 12 -10.26 16.93 -0.92
N CYS B 13 -11.52 16.54 -1.05
CA CYS B 13 -12.64 17.43 -1.26
C CYS B 13 -13.66 17.09 -0.17
N HIS B 14 -14.23 18.11 0.47
CA HIS B 14 -15.37 17.96 1.40
C HIS B 14 -16.39 19.05 1.12
N GLU B 15 -17.65 18.71 1.37
CA GLU B 15 -18.77 19.63 1.21
C GLU B 15 -19.09 20.25 2.56
N GLU B 16 -19.02 21.57 2.63
CA GLU B 16 -19.20 22.30 3.87
C GLU B 16 -20.04 23.56 3.60
N GLN B 17 -21.10 23.75 4.39
CA GLN B 17 -22.09 24.83 4.22
C GLN B 17 -22.48 25.08 2.75
N ASN B 18 -22.87 24.01 2.06
CA ASN B 18 -23.32 24.03 0.65
C ASN B 18 -22.18 24.33 -0.37
N SER B 19 -20.93 24.21 0.05
CA SER B 19 -19.77 24.66 -0.74
C SER B 19 -18.63 23.64 -0.67
N VAL B 20 -17.81 23.58 -1.72
CA VAL B 20 -16.60 22.74 -1.76
C VAL B 20 -15.53 23.30 -0.83
N VAL B 21 -14.78 22.41 -0.17
CA VAL B 21 -13.59 22.75 0.60
C VAL B 21 -12.49 21.75 0.22
N CYS B 22 -11.37 22.26 -0.31
CA CYS B 22 -10.23 21.38 -0.65
C CYS B 22 -9.23 21.35 0.47
N SER B 23 -8.55 20.22 0.59
CA SER B 23 -7.45 20.05 1.54
C SER B 23 -6.44 19.06 0.97
N CYS B 24 -5.33 18.93 1.69
CA CYS B 24 -4.20 18.18 1.22
C CYS B 24 -3.66 17.29 2.33
N ALA B 25 -2.96 16.22 1.92
CA ALA B 25 -2.27 15.33 2.86
C ALA B 25 -1.12 16.04 3.54
N ARG B 26 -0.71 15.56 4.71
CA ARG B 26 0.48 16.09 5.39
C ARG B 26 1.67 16.11 4.43
N GLY B 27 2.43 17.20 4.48
CA GLY B 27 3.53 17.46 3.56
C GLY B 27 3.15 18.26 2.33
N TYR B 28 1.89 18.69 2.26
CA TYR B 28 1.41 19.58 1.20
C TYR B 28 0.75 20.81 1.82
N THR B 29 0.85 21.93 1.13
CA THR B 29 0.17 23.18 1.48
C THR B 29 -0.88 23.46 0.42
N LEU B 30 -2.03 23.97 0.85
CA LEU B 30 -3.09 24.38 -0.06
C LEU B 30 -2.63 25.65 -0.79
N ALA B 31 -2.75 25.68 -2.11
CA ALA B 31 -2.30 26.82 -2.91
C ALA B 31 -3.18 28.05 -2.70
N ASP B 32 -2.74 29.19 -3.25
CA ASP B 32 -3.51 30.44 -3.19
C ASP B 32 -4.93 30.29 -3.71
N ASN B 33 -5.09 29.46 -4.75
CA ASN B 33 -6.40 29.22 -5.37
C ASN B 33 -7.36 28.35 -4.54
N GLY B 34 -6.92 27.86 -3.38
CA GLY B 34 -7.72 27.04 -2.49
C GLY B 34 -8.05 25.64 -2.99
N LYS B 35 -7.31 25.17 -3.99
CA LYS B 35 -7.64 23.93 -4.71
C LYS B 35 -6.43 23.02 -4.97
N ALA B 36 -5.34 23.60 -5.48
CA ALA B 36 -4.09 22.88 -5.74
C ALA B 36 -3.33 22.61 -4.45
N CYS B 37 -2.58 21.51 -4.44
CA CYS B 37 -1.79 21.08 -3.31
C CYS B 37 -0.32 21.19 -3.68
N ILE B 38 0.47 21.81 -2.82
CA ILE B 38 1.84 22.19 -3.13
C ILE B 38 2.78 21.47 -2.19
N PRO B 39 3.75 20.69 -2.72
CA PRO B 39 4.73 20.04 -1.84
C PRO B 39 5.54 21.05 -1.04
N THR B 40 5.73 20.79 0.25
CA THR B 40 6.57 21.66 1.10
C THR B 40 8.06 21.30 0.98
N GLY B 41 8.37 20.03 0.75
CA GLY B 41 9.76 19.54 0.65
C GLY B 41 9.99 18.65 -0.56
N PRO B 42 11.22 18.15 -0.73
CA PRO B 42 11.60 17.41 -1.94
C PRO B 42 10.93 16.04 -2.18
N TYR B 43 10.52 15.36 -1.10
CA TYR B 43 9.94 14.01 -1.19
C TYR B 43 8.55 13.98 -0.53
N PRO B 44 7.56 14.62 -1.18
CA PRO B 44 6.21 14.62 -0.64
C PRO B 44 5.59 13.26 -0.85
N CYS B 45 4.62 12.92 -0.02
CA CYS B 45 4.03 11.60 -0.07
C CYS B 45 3.32 11.39 -1.38
N GLY B 46 3.29 10.14 -1.82
CA GLY B 46 2.54 9.75 -3.01
C GLY B 46 3.11 10.15 -4.36
N LYS B 47 4.29 10.76 -4.40
CA LYS B 47 4.91 11.15 -5.68
C LYS B 47 6.04 10.21 -6.03
N GLN B 48 5.97 9.67 -7.24
CA GLN B 48 7.10 8.92 -7.82
C GLN B 48 8.33 9.84 -7.84
N THR B 49 9.50 9.27 -7.55
CA THR B 49 10.74 10.03 -7.41
C THR B 49 11.49 10.16 -8.75
N LEU B 50 12.07 11.34 -8.97
CA LEU B 50 12.80 11.64 -10.21
C LEU B 50 14.31 11.91 -10.06
N GLU B 51 14.78 12.27 -8.86
CA GLU B 51 16.23 12.51 -8.64
C GLU B 51 16.72 11.99 -7.28
P CFL C 6 -17.31 -7.83 33.27
O1P CFL C 6 -16.84 -6.43 33.15
O2P CFL C 6 -16.90 -8.55 34.50
O5' CFL C 6 -16.56 -8.63 32.12
C5' CFL C 6 -16.26 -10.00 32.32
C4' CFL C 6 -16.27 -10.79 31.02
O4' CFL C 6 -17.35 -10.34 30.21
C3' CFL C 6 -15.03 -10.68 30.14
O3' CFL C 6 -13.83 -11.44 30.48
C2' CFL C 6 -15.72 -11.20 28.91
C1' CFL C 6 -16.96 -10.35 28.85
N1 CFL C 6 -16.67 -8.99 28.36
C2 CFL C 6 -16.49 -8.72 27.00
O2 CFL C 6 -16.56 -9.63 26.17
N3 CFL C 6 -16.26 -7.47 26.56
C4 CFL C 6 -16.18 -6.45 27.42
N4 CFL C 6 -15.93 -5.21 27.00
C5 CFL C 6 -16.35 -6.68 28.76
C6 CFL C 6 -16.61 -7.96 29.21
F CFL C 6 -14.97 -11.01 27.81
P CFL C 7 -12.93 -11.33 30.58
O1P CFL C 7 -12.57 -12.60 31.29
O2P CFL C 7 -12.22 -10.05 30.90
O5' CFL C 7 -12.83 -11.55 29.00
C5' CFL C 7 -12.74 -12.85 28.42
C4' CFL C 7 -12.62 -12.76 26.89
O4' CFL C 7 -13.59 -11.89 26.27
C3' CFL C 7 -11.31 -12.20 26.37
O3' CFL C 7 -10.21 -13.10 26.49
C2' CFL C 7 -11.76 -11.99 24.94
C1' CFL C 7 -13.02 -11.17 25.16
N1 CFL C 7 -12.82 -9.70 25.44
C2 CFL C 7 -12.46 -8.81 24.40
O2 CFL C 7 -12.26 -9.24 23.25
N3 CFL C 7 -12.34 -7.48 24.60
C4 CFL C 7 -12.55 -6.91 25.79
N4 CFL C 7 -12.40 -5.56 25.93
C5 CFL C 7 -12.90 -7.74 26.86
C6 CFL C 7 -13.04 -9.13 26.65
F CFL C 7 -10.89 -11.36 24.13
P CFL C 8 -8.76 -12.58 27.00
O1P CFL C 8 -8.16 -13.97 26.92
O2P CFL C 8 -8.60 -11.70 28.22
O5' CFL C 8 -8.19 -11.75 25.75
C5' CFL C 8 -8.16 -12.27 24.43
C4' CFL C 8 -7.99 -11.15 23.41
O4' CFL C 8 -9.06 -10.19 23.34
C3' CFL C 8 -6.77 -10.30 23.66
O3' CFL C 8 -5.57 -11.02 23.38
C2' CFL C 8 -7.09 -9.17 22.72
C1' CFL C 8 -8.53 -8.89 23.06
N1 CFL C 8 -8.75 -7.98 24.21
C2 CFL C 8 -8.56 -6.57 24.11
O2 CFL C 8 -8.17 -6.06 23.04
N3 CFL C 8 -8.80 -5.75 25.16
C4 CFL C 8 -9.21 -6.25 26.34
N4 CFL C 8 -9.45 -5.42 27.39
C5 CFL C 8 -9.42 -7.61 26.48
C6 CFL C 8 -9.19 -8.46 25.40
F CFL C 8 -6.28 -8.10 22.90
P CFL C 9 -4.29 -10.47 24.19
O1P CFL C 9 -3.62 -11.74 23.74
O2P CFL C 9 -3.78 -9.78 25.43
O5' CFL C 9 -4.08 -9.46 22.95
C5' CFL C 9 -2.93 -8.62 22.84
C4' CFL C 9 -3.25 -7.14 23.09
O4' CFL C 9 -4.54 -6.80 23.59
C3' CFL C 9 -2.35 -6.52 24.14
O3' CFL C 9 -0.99 -6.51 23.69
C2' CFL C 9 -3.01 -5.16 24.23
C1' CFL C 9 -4.47 -5.57 24.29
N1 CFL C 9 -5.05 -5.78 25.63
C2 CFL C 9 -5.32 -4.68 26.48
O2 CFL C 9 -5.04 -3.52 26.10
N3 CFL C 9 -5.87 -4.86 27.70
C4 CFL C 9 -6.18 -6.12 28.14
N4 CFL C 9 -6.73 -6.29 29.36
C5 CFL C 9 -5.94 -7.21 27.32
C6 CFL C 9 -5.38 -7.02 26.06
F CFL C 9 -2.58 -4.43 25.29
P CFL C 12 5.04 2.06 23.67
O1P CFL C 12 5.21 0.84 24.46
O2P CFL C 12 6.24 2.92 23.46
O5' CFL C 12 4.11 3.06 24.49
C5' CFL C 12 4.15 4.45 24.20
C4' CFL C 12 3.21 5.32 25.02
O4' CFL C 12 1.88 4.80 24.93
C3' CFL C 12 3.51 5.44 26.53
O3' CFL C 12 4.54 6.39 26.94
C2' CFL C 12 2.12 5.80 26.98
C1' CFL C 12 1.19 4.92 26.15
N1 CFL C 12 0.79 3.62 26.72
C2 CFL C 12 -0.09 3.50 27.82
O2 CFL C 12 -0.52 4.48 28.39
N3 CFL C 12 -0.45 2.32 28.26
C4 CFL C 12 -0.02 1.22 27.68
N4 CFL C 12 -0.39 0.02 28.13
C5 CFL C 12 0.81 1.28 26.60
C6 CFL C 12 1.18 2.51 26.14
F CFL C 12 1.98 5.48 28.25
P UFT C 17 12.19 -10.67 38.49
OP1 UFT C 17 12.67 -11.60 39.58
OP2 UFT C 17 12.67 -9.23 38.43
O5' UFT C 17 12.58 -11.34 37.08
N1 UFT C 17 12.45 -9.62 33.17
C6 UFT C 17 12.53 -8.98 31.99
C2 UFT C 17 12.71 -8.86 34.36
O2 UFT C 17 12.68 -9.37 35.48
N3 UFT C 17 12.97 -7.54 34.33
C4 UFT C 17 13.04 -6.90 33.16
O4 UFT C 17 13.30 -5.67 33.14
C5 UFT C 17 12.82 -7.62 31.99
F2' UFT C 17 13.50 -12.82 32.30
C2' UFT C 17 13.54 -11.79 33.19
C5' UFT C 17 12.06 -12.56 36.53
C4' UFT C 17 12.24 -12.59 35.00
O4' UFT C 17 11.45 -11.61 34.28
C1' UFT C 17 12.18 -11.08 33.17
C3' UFT C 17 13.68 -12.34 34.59
O3' UFT C 17 14.47 -13.54 34.68
P UFT C 20 13.55 -10.33 22.85
OP1 UFT C 20 14.24 -10.61 21.56
OP2 UFT C 20 12.93 -8.99 23.04
O5' UFT C 20 12.36 -11.43 22.84
N1 UFT C 20 9.37 -8.81 26.00
C6 UFT C 20 9.34 -9.34 27.22
C2 UFT C 20 9.71 -7.46 25.88
O2 UFT C 20 9.73 -6.88 24.80
N3 UFT C 20 10.01 -6.73 26.94
C4 UFT C 20 10.00 -7.26 28.14
O4 UFT C 20 10.28 -6.53 29.10
C5 UFT C 20 9.66 -8.59 28.33
F2' UFT C 20 8.88 -8.34 22.77
C2' UFT C 20 9.60 -9.24 23.50
C5' UFT C 20 11.51 -11.87 23.91
C4' UFT C 20 10.01 -11.54 23.84
O4' UFT C 20 9.53 -10.96 25.06
C1' UFT C 20 9.01 -9.64 24.85
C3' UFT C 20 9.69 -10.55 22.77
O3' UFT C 20 8.44 -10.93 22.18
P CFL C 22 3.41 -10.62 24.46
O1P CFL C 22 2.16 -10.73 25.26
O2P CFL C 22 4.25 -9.35 24.40
O5' CFL C 22 4.44 -11.65 25.10
C5' CFL C 22 4.10 -12.92 25.66
C4' CFL C 22 4.76 -13.01 27.03
O4' CFL C 22 6.00 -12.31 27.14
C3' CFL C 22 3.91 -12.44 28.14
O3' CFL C 22 2.81 -13.29 28.43
C2' CFL C 22 4.97 -12.36 29.21
C1' CFL C 22 6.12 -11.73 28.45
N1 CFL C 22 6.18 -10.24 28.46
C2 CFL C 22 6.41 -9.51 29.65
O2 CFL C 22 6.47 -10.09 30.72
N3 CFL C 22 6.53 -8.16 29.68
C4 CFL C 22 6.47 -7.45 28.52
N4 CFL C 22 6.57 -6.10 28.51
C5 CFL C 22 6.25 -8.14 27.32
C6 CFL C 22 6.12 -9.53 27.31
F CFL C 22 4.70 -11.65 30.32
P UFT C 23 1.26 -12.87 28.52
OP1 UFT C 23 0.51 -14.18 28.55
OP2 UFT C 23 0.72 -11.75 27.66
O5' UFT C 23 1.48 -12.33 30.00
N1 UFT C 23 2.77 -9.27 32.07
C6 UFT C 23 2.80 -9.43 30.72
C2 UFT C 23 2.91 -7.98 32.62
O2 UFT C 23 2.90 -7.78 33.85
N3 UFT C 23 3.08 -6.95 31.81
C4 UFT C 23 3.12 -7.07 30.49
O4 UFT C 23 3.27 -6.05 29.80
C5 UFT C 23 2.98 -8.33 29.90
F2' UFT C 23 1.30 -10.79 34.88
C2' UFT C 23 1.22 -10.47 33.56
C5' UFT C 23 1.53 -13.26 31.09
C4' UFT C 23 1.74 -12.49 32.40
O4' UFT C 23 2.92 -11.66 32.39
C1' UFT C 23 2.63 -10.40 33.00
C3' UFT C 23 0.60 -11.55 32.70
O3' UFT C 23 -0.52 -12.22 33.27
P UFT C 24 -2.00 -11.67 32.97
OP1 UFT C 24 -2.98 -12.52 33.73
OP2 UFT C 24 -2.17 -11.61 31.46
O5' UFT C 24 -1.92 -10.17 33.53
N1 UFT C 24 -0.56 -6.39 32.86
C6 UFT C 24 -0.54 -7.42 31.99
C2 UFT C 24 -0.27 -5.07 32.40
O2 UFT C 24 -0.28 -4.08 33.17
N3 UFT C 24 0.02 -4.90 31.10
C4 UFT C 24 0.04 -5.92 30.23
O4 UFT C 24 0.32 -5.73 29.01
C5 UFT C 24 -0.24 -7.20 30.66
F2' UFT C 24 -2.10 -5.64 35.96
C2' UFT C 24 -2.22 -6.26 34.74
C5' UFT C 24 -1.90 -9.98 34.92
C4' UFT C 24 -1.77 -8.50 35.26
O4' UFT C 24 -0.60 -8.00 34.66
C1' UFT C 24 -0.82 -6.62 34.30
C3' UFT C 24 -2.93 -7.59 34.81
O3' UFT C 24 -4.01 -7.53 35.78
P CFL C 27 -9.55 2.92 32.16
O1P CFL C 27 -10.96 3.46 32.26
O2P CFL C 27 -9.34 1.49 31.78
O5' CFL C 27 -8.74 3.82 31.13
C5' CFL C 27 -8.74 5.23 31.20
C4' CFL C 27 -7.54 5.75 30.39
O4' CFL C 27 -6.30 5.07 30.61
C3' CFL C 27 -7.70 5.60 28.91
O3' CFL C 27 -8.68 6.43 28.29
C2' CFL C 27 -6.28 5.98 28.51
C1' CFL C 27 -5.46 5.08 29.41
N1 CFL C 27 -5.17 3.70 28.89
C2 CFL C 27 -4.24 3.42 27.84
O2 CFL C 27 -3.62 4.30 27.19
N3 CFL C 27 -4.01 2.15 27.45
C4 CFL C 27 -4.63 1.11 28.04
N4 CFL C 27 -4.37 -0.14 27.62
C5 CFL C 27 -5.53 1.33 29.09
C6 CFL C 27 -5.77 2.64 29.49
F CFL C 27 -6.08 5.82 27.22
P CFL C 28 -9.66 6.04 27.06
O1P CFL C 28 -10.77 7.04 27.17
O2P CFL C 28 -9.86 4.54 27.19
O5' CFL C 28 -8.91 6.31 25.68
C5' CFL C 28 -8.47 7.60 25.30
C4' CFL C 28 -7.47 7.45 24.15
O4' CFL C 28 -6.27 6.72 24.52
C3' CFL C 28 -7.92 6.64 22.95
O3' CFL C 28 -8.89 7.22 22.09
C2' CFL C 28 -6.58 6.57 22.27
C1' CFL C 28 -5.70 6.04 23.38
N1 CFL C 28 -5.71 4.56 23.55
C2 CFL C 28 -4.94 3.72 22.70
O2 CFL C 28 -4.31 4.20 21.74
N3 CFL C 28 -4.89 2.37 22.87
C4 CFL C 28 -5.58 1.81 23.90
N4 CFL C 28 -5.53 0.48 24.07
C5 CFL C 28 -6.33 2.59 24.77
C6 CFL C 28 -6.37 3.98 24.59
F CFL C 28 -6.64 5.75 21.25
P CFL C 29 -10.25 6.40 21.82
O1P CFL C 29 -10.88 7.52 21.02
O2P CFL C 29 -11.05 5.47 22.67
O5' CFL C 29 -9.63 5.52 20.64
C5' CFL C 29 -9.42 6.04 19.35
C4' CFL C 29 -8.64 5.01 18.55
O4' CFL C 29 -7.53 4.44 19.24
C3' CFL C 29 -9.41 3.76 18.12
O3' CFL C 29 -10.40 3.91 17.12
C2' CFL C 29 -8.17 3.05 17.63
C1' CFL C 29 -7.35 3.05 18.90
N1 CFL C 29 -7.65 2.13 20.03
C2 CFL C 29 -7.20 0.77 20.04
O2 CFL C 29 -6.58 0.29 19.10
N3 CFL C 29 -7.46 -0.06 21.07
C4 CFL C 29 -8.14 0.38 22.15
N4 CFL C 29 -8.40 -0.45 23.20
C5 CFL C 29 -8.58 1.70 22.19
C6 CFL C 29 -8.31 2.55 21.13
F CFL C 29 -8.35 1.92 16.98
P CFL C 30 -11.93 3.44 17.37
O1P CFL C 30 -12.37 3.94 16.05
O2P CFL C 30 -12.66 3.81 18.63
O5' CFL C 30 -11.88 1.86 17.29
C5' CFL C 30 -11.37 1.19 16.14
C4' CFL C 30 -11.05 -0.24 16.54
O4' CFL C 30 -10.10 -0.30 17.63
C3' CFL C 30 -12.20 -1.08 17.09
O3' CFL C 30 -13.23 -1.41 16.18
C2' CFL C 30 -11.33 -2.25 17.48
C1' CFL C 30 -10.32 -1.52 18.36
N1 CFL C 30 -10.80 -1.20 19.72
C2 CFL C 30 -10.90 -2.20 20.75
O2 CFL C 30 -10.59 -3.39 20.55
N3 CFL C 30 -11.36 -1.84 21.97
C4 CFL C 30 -11.69 -0.58 22.25
N4 CFL C 30 -12.13 -0.26 23.47
C5 CFL C 30 -11.61 0.40 21.29
C6 CFL C 30 -11.15 0.06 20.03
F CFL C 30 -12.04 -3.18 18.13
P CFL C 32 -18.01 -6.32 16.13
O1P CFL C 32 -18.33 -6.87 14.78
O2P CFL C 32 -18.55 -4.98 16.53
O5' CFL C 32 -18.42 -7.39 17.24
C5' CFL C 32 -18.65 -8.72 16.82
C4' CFL C 32 -18.52 -9.65 17.97
O4' CFL C 32 -17.49 -9.29 18.91
C3' CFL C 32 -19.80 -9.72 18.80
O3' CFL C 32 -20.81 -10.39 18.09
C2' CFL C 32 -19.13 -10.46 19.90
C1' CFL C 32 -18.04 -9.49 20.25
N1 CFL C 32 -18.28 -8.18 20.97
C2 CFL C 32 -18.58 -8.08 22.36
O2 CFL C 32 -18.78 -9.10 23.04
N3 CFL C 32 -18.70 -6.87 22.98
C4 CFL C 32 -18.50 -5.71 22.30
N4 CFL C 32 -18.60 -4.50 22.90
C5 CFL C 32 -18.19 -5.76 20.95
C6 CFL C 32 -18.09 -6.99 20.34
F CFL C 32 -19.83 -10.88 20.90
P UFT C 33 -22.32 -9.95 17.99
OP1 UFT C 33 -22.90 -11.00 17.09
OP2 UFT C 33 -22.63 -8.50 17.74
O5' UFT C 33 -23.00 -10.19 19.42
N1 UFT C 33 -22.33 -8.41 22.94
C6 UFT C 33 -22.01 -8.01 21.68
C2 UFT C 33 -22.41 -7.42 23.96
O2 UFT C 33 -22.71 -7.71 25.13
N3 UFT C 33 -22.18 -6.14 23.65
C4 UFT C 33 -21.87 -5.75 22.41
O4 UFT C 33 -21.66 -4.54 22.18
C5 UFT C 33 -21.78 -6.67 21.39
F2' UFT C 33 -24.09 -11.30 24.18
C2' UFT C 33 -23.97 -10.21 23.37
C5' UFT C 33 -22.86 -11.46 20.05
C4' UFT C 33 -23.06 -11.33 21.55
O4' UFT C 33 -21.94 -10.73 22.24
C1' UFT C 33 -22.51 -9.84 23.26
C3' UFT C 33 -24.30 -10.53 21.94
O3' UFT C 33 -25.49 -11.29 21.83
P CFL C 34 -27.01 -10.90 21.68
O1P CFL C 34 -27.34 -9.80 20.69
O2P CFL C 34 -27.70 -12.22 21.48
O5' CFL C 34 -27.52 -10.30 23.06
C5' CFL C 34 -27.55 -11.17 24.16
C4' CFL C 34 -27.59 -10.36 25.44
O4' CFL C 34 -26.36 -9.66 25.61
C3' CFL C 34 -28.66 -9.27 25.58
O3' CFL C 34 -29.98 -9.70 25.85
C2' CFL C 34 -28.01 -8.67 26.78
C1' CFL C 34 -26.62 -8.41 26.25
N1 CFL C 34 -26.28 -7.24 25.33
C2 CFL C 34 -26.12 -5.92 25.82
O2 CFL C 34 -26.34 -5.66 27.01
N3 CFL C 34 -25.73 -4.91 25.00
C4 CFL C 34 -25.44 -5.15 23.70
N4 CFL C 34 -25.06 -4.15 22.88
C5 CFL C 34 -25.58 -6.42 23.19
C6 CFL C 34 -26.00 -7.45 24.03
F CFL C 34 -28.53 -7.56 27.21
P UFT C 35 -31.29 -9.19 25.11
OP1 UFT C 35 -32.53 -9.96 25.43
OP2 UFT C 35 -30.98 -8.99 23.66
O5' UFT C 35 -31.44 -7.76 25.79
N1 UFT C 35 -29.53 -4.08 25.83
C6 UFT C 35 -29.36 -5.07 24.93
C2 UFT C 35 -29.06 -2.77 25.51
O2 UFT C 35 -29.22 -1.83 26.31
N3 UFT C 35 -28.44 -2.54 24.32
C4 UFT C 35 -28.28 -3.53 23.42
O4 UFT C 35 -27.72 -3.31 22.33
C5 UFT C 35 -28.73 -4.82 23.71
F2' UFT C 35 -31.92 -3.46 28.42
C2' UFT C 35 -31.61 -3.88 27.16
C5' UFT C 35 -31.70 -7.62 27.18
C4' UFT C 35 -31.55 -6.17 27.62
O4' UFT C 35 -30.20 -5.71 27.55
C1' UFT C 35 -30.17 -4.32 27.16
C3' UFT C 35 -32.37 -5.14 26.84
O3' UFT C 35 -33.72 -5.08 27.30
P UFT C 36 -34.90 -4.63 26.30
OP1 UFT C 36 -36.18 -4.57 27.09
OP2 UFT C 36 -34.87 -5.54 25.09
O5' UFT C 36 -34.54 -3.10 25.96
N1 UFT C 36 -32.11 -1.13 23.52
C6 UFT C 36 -32.38 -2.45 23.43
C2 UFT C 36 -31.19 -0.57 22.58
O2 UFT C 36 -30.90 0.65 22.62
N3 UFT C 36 -30.61 -1.36 21.65
C4 UFT C 36 -30.89 -2.68 21.57
O4 UFT C 36 -30.37 -3.42 20.71
C5 UFT C 36 -31.79 -3.25 22.46
F2' UFT C 36 -34.52 0.89 23.40
C2' UFT C 36 -34.26 -0.23 24.14
C5' UFT C 36 -34.53 -2.10 26.99
C4' UFT C 36 -34.03 -0.74 26.48
O4' UFT C 36 -32.72 -0.83 25.87
C1' UFT C 36 -32.78 -0.31 24.53
C3' UFT C 36 -35.02 -0.22 25.45
O3' UFT C 36 -35.49 1.09 25.80
C1 RIV D . -7.79 -17.20 4.26
N2 RIV D . -6.59 -17.93 4.65
C3 RIV D . -8.16 -16.36 5.48
C4 RIV D . -6.37 -18.45 5.85
O5 RIV D . -8.29 -17.20 6.62
C6 RIV D . -7.02 -17.74 7.02
C7 RIV D . -3.58 -18.38 1.79
C8 RIV D . -3.25 -18.04 3.09
C9 RIV D . -4.91 -18.57 1.43
C10 RIV D . -4.24 -17.89 4.04
C11 RIV D . -5.90 -18.42 2.39
C12 RIV D . -5.58 -18.07 3.69
O13 RIV D . -5.70 -19.45 6.03
N14 RIV D . -2.57 -18.53 0.83
C15 RIV D . -2.71 -19.33 -0.21
C16 RIV D . -1.30 -17.83 0.91
O17 RIV D . -1.50 -19.28 -1.02
C18 RIV D . -0.61 -18.37 -0.35
O19 RIV D . -3.67 -20.01 -0.49
C20 RIV D . -0.26 -17.21 -1.27
N21 RIV D . -1.32 -16.22 -1.25
C22 RIV D . -1.04 -14.92 -1.19
S23 RIV D . -2.00 -12.39 -1.33
C24 RIV D . -2.93 -11.94 -2.71
C25 RIV D . -1.83 -13.97 -2.01
C26 RIV D . -3.12 -12.94 -3.66
C27 RIV D . -2.48 -14.11 -3.24
O28 RIV D . -0.15 -14.49 -0.46
CL RIV D . -3.63 -10.25 -2.93
NA NA E . -8.01 -14.69 -10.69
CA CA F . 19.41 -3.89 -5.12
MG MG G . 0.75 -10.29 26.06
MG MG H . 0.92 -5.00 26.83
#